data_3V1R
#
_entry.id   3V1R
#
_cell.length_a   53.677
_cell.length_b   84.750
_cell.length_c   70.817
_cell.angle_alpha   90.00
_cell.angle_beta   90.00
_cell.angle_gamma   90.00
#
_symmetry.space_group_name_H-M   'C 2 2 21'
#
loop_
_entity.id
_entity.type
_entity.pdbx_description
1 polymer 'Reverse transcriptase/ribonuclease H p80'
2 non-polymer 'SULFATE ION'
3 non-polymer (4R)-2-METHYLPENTANE-2,4-DIOL
4 non-polymer 'MANGANESE (II) ION'
5 non-polymer 2,7-dihydroxy-4-(propan-2-yl)cyclohepta-2,4,6-trien-1-one
6 water water
#
_entity_poly.entity_id   1
_entity_poly.type   'polypeptide(L)'
_entity_poly.pdbx_seq_one_letter_code
;DRWGSEILAETHGTRPDLTDQPIPDADYTWYTDGSSFLQEGQRRAGAAVTTETEVIWARALPAGTSAQRAELIALTQALK
MAEGKKLNVYTDSRYAFATAHVHGEIYRRRGLLTSEGREIKNKNEILALLKALFLPKRLSIIHCPGHQKGNSAEARGNRM
ADQAAREAAMKAVLETSTLL
;
_entity_poly.pdbx_strand_id   A
#
loop_
_chem_comp.id
_chem_comp.type
_chem_comp.name
_chem_comp.formula
JTH non-polymer 2,7-dihydroxy-4-(propan-2-yl)cyclohepta-2,4,6-trien-1-one 'C10 H12 O3'
MN non-polymer 'MANGANESE (II) ION' 'Mn 2'
MRD non-polymer (4R)-2-METHYLPENTANE-2,4-DIOL 'C6 H14 O2'
SO4 non-polymer 'SULFATE ION' 'O4 S -2'
#
# COMPACT_ATOMS: atom_id res chain seq x y z
N HIS A 12 -9.99 19.72 4.17
CA HIS A 12 -11.45 19.75 4.18
C HIS A 12 -12.04 18.67 3.29
N GLY A 13 -11.89 17.41 3.70
CA GLY A 13 -12.39 16.31 2.91
C GLY A 13 -11.26 15.55 2.22
N THR A 14 -11.63 14.55 1.43
CA THR A 14 -10.65 13.72 0.73
C THR A 14 -10.31 14.31 -0.63
N ARG A 15 -9.44 13.61 -1.36
CA ARG A 15 -9.06 14.02 -2.71
C ARG A 15 -10.18 13.73 -3.69
N PRO A 16 -10.75 14.79 -4.29
CA PRO A 16 -11.91 14.70 -5.20
C PRO A 16 -11.60 13.96 -6.50
N ASP A 17 -10.36 14.05 -6.97
CA ASP A 17 -10.01 13.49 -8.28
C ASP A 17 -9.44 12.06 -8.22
N LEU A 18 -9.40 11.47 -7.03
CA LEU A 18 -8.94 10.10 -6.89
C LEU A 18 -9.82 9.15 -7.68
N THR A 19 -9.19 8.29 -8.49
CA THR A 19 -9.92 7.36 -9.34
C THR A 19 -9.45 5.91 -9.16
N ASP A 20 -10.34 4.96 -9.44
CA ASP A 20 -10.04 3.54 -9.29
C ASP A 20 -9.61 2.88 -10.60
N GLN A 21 -9.53 3.66 -11.68
CA GLN A 21 -9.13 3.14 -12.99
C GLN A 21 -7.84 3.77 -13.48
N PRO A 22 -7.06 3.02 -14.28
CA PRO A 22 -5.77 3.50 -14.78
C PRO A 22 -5.89 4.73 -15.67
N ILE A 23 -5.06 5.74 -15.39
CA ILE A 23 -4.97 6.92 -16.24
C ILE A 23 -3.88 6.72 -17.29
N PRO A 24 -4.17 7.06 -18.55
CA PRO A 24 -3.34 6.74 -19.71
C PRO A 24 -2.00 7.46 -19.74
N ASP A 25 -1.96 8.68 -19.21
CA ASP A 25 -0.79 9.53 -19.31
C ASP A 25 0.16 9.45 -18.10
N ALA A 26 -0.12 8.55 -17.17
CA ALA A 26 0.60 8.52 -15.90
C ALA A 26 2.12 8.48 -16.05
N ASP A 27 2.80 9.18 -15.14
CA ASP A 27 4.25 9.19 -15.06
C ASP A 27 4.76 7.88 -14.47
N TYR A 28 4.05 7.36 -13.48
CA TYR A 28 4.46 6.14 -12.81
C TYR A 28 3.33 5.12 -12.76
N THR A 29 3.62 3.88 -13.18
CA THR A 29 2.71 2.77 -12.93
C THR A 29 3.38 1.82 -11.94
N TRP A 30 2.88 1.79 -10.71
CA TRP A 30 3.51 0.98 -9.68
C TRP A 30 2.60 -0.12 -9.13
N TYR A 31 3.17 -0.94 -8.25
CA TYR A 31 2.47 -2.04 -7.61
C TYR A 31 2.98 -2.12 -6.19
N THR A 32 2.08 -2.31 -5.23
CA THR A 32 2.45 -2.32 -3.83
C THR A 32 2.00 -3.61 -3.15
N ASP A 33 2.80 -4.10 -2.21
CA ASP A 33 2.38 -5.26 -1.44
C ASP A 33 2.93 -5.22 -0.02
N GLY A 34 2.09 -5.62 0.93
CA GLY A 34 2.55 -5.89 2.28
C GLY A 34 2.63 -7.39 2.49
N SER A 35 3.34 -7.82 3.52
CA SER A 35 3.38 -9.22 3.87
C SER A 35 3.64 -9.39 5.36
N SER A 36 2.97 -10.36 5.97
CA SER A 36 3.17 -10.68 7.38
C SER A 36 3.15 -12.19 7.60
N PHE A 37 4.23 -12.72 8.17
CA PHE A 37 4.30 -14.15 8.43
C PHE A 37 5.00 -14.39 9.75
N LEU A 38 4.94 -15.62 10.27
CA LEU A 38 5.71 -15.95 11.45
C LEU A 38 7.05 -16.59 11.06
N GLN A 39 8.13 -15.86 11.29
CA GLN A 39 9.48 -16.36 11.03
C GLN A 39 10.32 -16.28 12.29
N GLU A 40 10.92 -17.42 12.64
CA GLU A 40 11.71 -17.54 13.85
C GLU A 40 10.85 -17.15 15.05
N GLY A 41 9.77 -17.90 15.25
CA GLY A 41 8.88 -17.70 16.37
C GLY A 41 8.47 -16.25 16.56
N GLN A 42 8.38 -15.52 15.44
CA GLN A 42 8.12 -14.08 15.50
C GLN A 42 7.38 -13.64 14.25
N ARG A 43 6.63 -12.55 14.37
CA ARG A 43 5.92 -12.04 13.21
C ARG A 43 6.73 -10.98 12.49
N ARG A 44 7.20 -11.33 11.30
CA ARG A 44 7.94 -10.43 10.45
C ARG A 44 7.00 -9.85 9.42
N ALA A 45 7.18 -8.58 9.13
CA ALA A 45 6.40 -7.92 8.09
C ALA A 45 7.30 -7.13 7.14
N GLY A 46 6.80 -6.92 5.93
CA GLY A 46 7.53 -6.15 4.94
C GLY A 46 6.60 -5.45 3.98
N ALA A 47 7.08 -4.39 3.34
CA ALA A 47 6.28 -3.63 2.38
C ALA A 47 7.13 -3.25 1.19
N ALA A 48 6.51 -3.20 0.01
CA ALA A 48 7.25 -2.94 -1.21
C ALA A 48 6.44 -2.20 -2.27
N VAL A 49 7.13 -1.30 -2.99
CA VAL A 49 6.58 -0.61 -4.15
C VAL A 49 7.52 -0.83 -5.34
N THR A 50 6.99 -1.43 -6.39
CA THR A 50 7.82 -1.83 -7.53
C THR A 50 7.14 -1.54 -8.85
N THR A 51 7.91 -1.59 -9.93
CA THR A 51 7.33 -1.62 -11.27
C THR A 51 7.20 -3.08 -11.64
N GLU A 52 6.90 -3.35 -12.91
CA GLU A 52 6.91 -4.73 -13.38
C GLU A 52 8.30 -5.31 -13.19
N THR A 53 9.29 -4.62 -13.76
CA THR A 53 10.63 -5.18 -13.87
C THR A 53 11.62 -4.81 -12.76
N GLU A 54 11.25 -3.87 -11.90
CA GLU A 54 12.21 -3.39 -10.89
C GLU A 54 11.58 -2.91 -9.59
N VAL A 55 12.37 -2.98 -8.53
CA VAL A 55 11.92 -2.61 -7.18
C VAL A 55 12.27 -1.16 -6.85
N ILE A 56 11.25 -0.33 -6.67
CA ILE A 56 11.47 1.06 -6.29
C ILE A 56 11.92 1.18 -4.85
N TRP A 57 11.14 0.59 -3.94
CA TRP A 57 11.41 0.68 -2.51
C TRP A 57 10.89 -0.55 -1.78
N ALA A 58 11.66 -1.04 -0.81
CA ALA A 58 11.23 -2.16 0.02
C ALA A 58 11.84 -2.06 1.40
N ARG A 59 11.07 -2.45 2.42
CA ARG A 59 11.56 -2.38 3.79
C ARG A 59 10.93 -3.46 4.65
N ALA A 60 11.69 -3.97 5.60
CA ALA A 60 11.14 -4.80 6.66
C ALA A 60 10.41 -3.89 7.63
N LEU A 61 9.45 -4.43 8.35
CA LEU A 61 8.65 -3.62 9.25
C LEU A 61 8.71 -4.16 10.67
N PRO A 62 8.35 -3.33 11.65
CA PRO A 62 8.37 -3.74 13.06
C PRO A 62 7.66 -5.08 13.27
N ALA A 63 8.19 -5.91 14.15
CA ALA A 63 7.60 -7.23 14.39
C ALA A 63 6.18 -7.08 14.92
N GLY A 64 5.35 -8.07 14.61
CA GLY A 64 3.96 -8.04 15.04
C GLY A 64 3.05 -7.25 14.12
N THR A 65 3.63 -6.79 13.00
CA THR A 65 2.87 -6.00 12.02
C THR A 65 1.97 -6.90 11.18
N SER A 66 0.70 -6.53 11.10
CA SER A 66 -0.27 -7.28 10.31
C SER A 66 -0.05 -7.09 8.81
N ALA A 67 -0.56 -8.02 8.02
CA ALA A 67 -0.50 -7.92 6.57
C ALA A 67 -1.20 -6.66 6.08
N GLN A 68 -2.38 -6.39 6.62
CA GLN A 68 -3.19 -5.25 6.19
C GLN A 68 -2.45 -3.93 6.41
N ARG A 69 -1.88 -3.78 7.60
CA ARG A 69 -1.10 -2.60 7.92
C ARG A 69 0.09 -2.46 6.96
N ALA A 70 0.74 -3.58 6.67
CA ALA A 70 1.85 -3.58 5.73
C ALA A 70 1.38 -3.05 4.37
N GLU A 71 0.22 -3.51 3.93
CA GLU A 71 -0.36 -3.03 2.67
C GLU A 71 -0.50 -1.53 2.74
N LEU A 72 -1.12 -1.05 3.81
CA LEU A 72 -1.32 0.38 4.03
C LEU A 72 -0.03 1.16 3.88
N ILE A 73 1.01 0.73 4.60
CA ILE A 73 2.29 1.39 4.57
C ILE A 73 2.89 1.41 3.17
N ALA A 74 2.82 0.29 2.47
CA ALA A 74 3.34 0.21 1.11
C ALA A 74 2.65 1.25 0.24
N LEU A 75 1.32 1.27 0.28
CA LEU A 75 0.54 2.23 -0.47
C LEU A 75 0.93 3.68 -0.15
N THR A 76 0.93 4.02 1.13
CA THR A 76 1.32 5.36 1.57
C THR A 76 2.68 5.73 1.00
N GLN A 77 3.62 4.78 1.02
CA GLN A 77 4.96 5.00 0.49
C GLN A 77 4.90 5.33 -1.00
N ALA A 78 4.19 4.49 -1.75
CA ALA A 78 3.98 4.76 -3.17
C ALA A 78 3.48 6.19 -3.38
N LEU A 79 2.53 6.61 -2.54
CA LEU A 79 1.99 7.96 -2.65
C LEU A 79 3.07 9.02 -2.42
N LYS A 80 3.82 8.87 -1.34
CA LYS A 80 4.85 9.83 -0.99
C LYS A 80 5.90 9.97 -2.09
N MET A 81 6.35 8.85 -2.63
CA MET A 81 7.35 8.86 -3.69
C MET A 81 6.82 9.47 -4.98
N ALA A 82 5.49 9.49 -5.13
CA ALA A 82 4.88 9.94 -6.38
C ALA A 82 4.51 11.42 -6.36
N GLU A 83 4.91 12.11 -5.29
CA GLU A 83 4.55 13.51 -5.09
C GLU A 83 4.85 14.39 -6.31
N GLY A 84 3.88 15.21 -6.70
CA GLY A 84 4.06 16.14 -7.80
C GLY A 84 3.96 15.48 -9.16
N LYS A 85 3.78 14.16 -9.17
CA LYS A 85 3.73 13.39 -10.40
C LYS A 85 2.37 12.73 -10.60
N LYS A 86 2.23 12.00 -11.71
CA LYS A 86 1.01 11.24 -11.99
C LYS A 86 1.21 9.75 -11.73
N LEU A 87 0.38 9.19 -10.85
CA LEU A 87 0.58 7.81 -10.40
C LEU A 87 -0.60 6.89 -10.69
N ASN A 88 -0.29 5.74 -11.27
CA ASN A 88 -1.21 4.61 -11.34
C ASN A 88 -0.67 3.50 -10.44
N VAL A 89 -1.36 3.24 -9.34
CA VAL A 89 -0.86 2.27 -8.36
C VAL A 89 -1.82 1.11 -8.18
N TYR A 90 -1.30 -0.10 -8.26
CA TYR A 90 -2.10 -1.31 -8.17
C TYR A 90 -1.95 -2.00 -6.81
N THR A 91 -3.07 -2.35 -6.20
CA THR A 91 -3.06 -3.08 -4.94
C THR A 91 -3.94 -4.32 -5.02
N ASP A 92 -3.46 -5.41 -4.41
CA ASP A 92 -4.24 -6.65 -4.40
C ASP A 92 -5.05 -6.78 -3.11
N SER A 93 -4.98 -5.76 -2.26
CA SER A 93 -5.71 -5.75 -1.01
C SER A 93 -7.04 -5.02 -1.12
N ARG A 94 -8.14 -5.76 -0.95
CA ARG A 94 -9.45 -5.14 -0.96
C ARG A 94 -9.56 -4.19 0.23
N TYR A 95 -8.97 -4.59 1.35
CA TYR A 95 -8.96 -3.79 2.55
C TYR A 95 -8.34 -2.41 2.30
N ALA A 96 -7.12 -2.40 1.77
CA ALA A 96 -6.41 -1.17 1.45
C ALA A 96 -7.19 -0.30 0.47
N PHE A 97 -7.59 -0.90 -0.65
CA PHE A 97 -8.35 -0.20 -1.67
C PHE A 97 -9.56 0.49 -1.04
N ALA A 98 -10.36 -0.28 -0.30
CA ALA A 98 -11.55 0.25 0.35
C ALA A 98 -11.22 1.40 1.30
N THR A 99 -10.22 1.21 2.14
CA THR A 99 -9.84 2.21 3.12
C THR A 99 -9.50 3.52 2.42
N ALA A 100 -8.69 3.40 1.37
CA ALA A 100 -8.28 4.55 0.58
C ALA A 100 -9.46 5.26 -0.06
N HIS A 101 -10.34 4.51 -0.72
CA HIS A 101 -11.45 5.11 -1.43
C HIS A 101 -12.62 5.52 -0.53
N VAL A 102 -12.89 4.73 0.49
CA VAL A 102 -14.11 4.94 1.26
C VAL A 102 -13.93 5.07 2.77
N HIS A 103 -13.46 4.00 3.40
CA HIS A 103 -13.49 3.88 4.85
C HIS A 103 -12.68 4.94 5.59
N GLY A 104 -11.48 5.22 5.10
CA GLY A 104 -10.59 6.14 5.77
C GLY A 104 -11.19 7.50 6.05
N GLU A 105 -11.68 8.15 5.00
CA GLU A 105 -12.23 9.49 5.10
C GLU A 105 -13.44 9.53 6.03
N ILE A 106 -14.23 8.46 6.00
CA ILE A 106 -15.39 8.37 6.86
C ILE A 106 -14.97 8.27 8.32
N TYR A 107 -14.08 7.32 8.60
CA TYR A 107 -13.56 7.16 9.95
C TYR A 107 -13.05 8.49 10.47
N ARG A 108 -12.25 9.16 9.64
CA ARG A 108 -11.67 10.45 10.02
C ARG A 108 -12.74 11.49 10.33
N ARG A 109 -13.63 11.71 9.37
CA ARG A 109 -14.64 12.76 9.51
C ARG A 109 -15.54 12.47 10.71
N ARG A 110 -15.60 11.20 11.10
CA ARG A 110 -16.38 10.82 12.28
C ARG A 110 -15.66 11.16 13.58
N GLY A 111 -14.34 11.34 13.49
CA GLY A 111 -13.55 11.62 14.68
C GLY A 111 -13.11 10.32 15.32
N LEU A 112 -13.29 9.22 14.59
CA LEU A 112 -12.95 7.90 15.10
C LEU A 112 -11.46 7.61 15.03
N LEU A 113 -10.74 8.31 14.16
CA LEU A 113 -9.33 8.03 13.96
C LEU A 113 -8.44 8.61 15.06
N THR A 114 -8.86 9.75 15.60
CA THR A 114 -8.08 10.42 16.64
C THR A 114 -8.56 10.08 18.05
N SER A 115 -9.62 9.27 18.14
CA SER A 115 -10.16 8.88 19.44
C SER A 115 -9.31 7.81 20.12
N GLU A 116 -9.79 7.34 21.26
CA GLU A 116 -9.11 6.29 22.02
C GLU A 116 -9.60 4.93 21.56
N GLY A 117 -10.63 4.92 20.72
CA GLY A 117 -11.27 3.69 20.29
C GLY A 117 -10.36 2.79 19.48
N ARG A 118 -10.20 1.55 19.94
CA ARG A 118 -9.37 0.58 19.23
C ARG A 118 -10.21 -0.29 18.30
N GLU A 119 -11.51 -0.01 18.25
CA GLU A 119 -12.42 -0.74 17.37
C GLU A 119 -12.04 -0.53 15.91
N ILE A 120 -11.19 0.46 15.66
CA ILE A 120 -10.63 0.69 14.35
C ILE A 120 -9.16 0.31 14.37
N LYS A 121 -8.73 -0.41 13.34
CA LYS A 121 -7.35 -0.86 13.24
C LYS A 121 -6.50 0.00 12.32
N ASN A 122 -5.25 0.20 12.71
CA ASN A 122 -4.26 0.91 11.90
C ASN A 122 -4.63 2.37 11.67
N LYS A 123 -5.11 3.02 12.72
CA LYS A 123 -5.56 4.41 12.66
C LYS A 123 -4.46 5.35 12.17
N ASN A 124 -3.26 5.20 12.71
CA ASN A 124 -2.14 6.05 12.31
C ASN A 124 -1.77 5.87 10.84
N GLU A 125 -1.77 4.62 10.38
CA GLU A 125 -1.56 4.34 8.97
C GLU A 125 -2.63 5.00 8.12
N ILE A 126 -3.88 4.89 8.57
CA ILE A 126 -4.99 5.49 7.84
C ILE A 126 -4.79 6.99 7.69
N LEU A 127 -4.51 7.67 8.80
CA LEU A 127 -4.29 9.11 8.78
C LEU A 127 -3.15 9.45 7.83
N ALA A 128 -2.05 8.74 7.96
CA ALA A 128 -0.87 8.99 7.14
C ALA A 128 -1.22 8.90 5.65
N LEU A 129 -2.01 7.88 5.33
CA LEU A 129 -2.46 7.65 3.96
C LEU A 129 -3.35 8.77 3.44
N LEU A 130 -4.33 9.14 4.26
CA LEU A 130 -5.23 10.24 3.91
C LEU A 130 -4.42 11.49 3.62
N LYS A 131 -3.36 11.70 4.39
CA LYS A 131 -2.47 12.83 4.18
C LYS A 131 -1.70 12.68 2.86
N ALA A 132 -1.28 11.45 2.57
CA ALA A 132 -0.46 11.16 1.39
C ALA A 132 -1.22 11.28 0.07
N LEU A 133 -2.53 11.05 0.11
CA LEU A 133 -3.36 11.08 -1.07
C LEU A 133 -3.30 12.40 -1.83
N PHE A 134 -2.89 13.45 -1.14
CA PHE A 134 -2.83 14.78 -1.75
C PHE A 134 -1.49 15.07 -2.43
N LEU A 135 -0.49 14.22 -2.21
CA LEU A 135 0.84 14.46 -2.75
C LEU A 135 0.92 14.35 -4.28
N PRO A 136 0.40 13.25 -4.85
CA PRO A 136 0.49 13.08 -6.30
C PRO A 136 -0.30 14.14 -7.05
N LYS A 137 0.24 14.60 -8.19
CA LYS A 137 -0.43 15.59 -9.01
C LYS A 137 -1.74 15.03 -9.54
N ARG A 138 -1.69 13.79 -10.01
CA ARG A 138 -2.86 13.07 -10.46
C ARG A 138 -2.75 11.63 -9.98
N LEU A 139 -3.85 11.07 -9.49
CA LEU A 139 -3.79 9.80 -8.75
C LEU A 139 -4.86 8.79 -9.12
N SER A 140 -4.43 7.55 -9.31
CA SER A 140 -5.35 6.43 -9.52
C SER A 140 -4.93 5.23 -8.68
N ILE A 141 -5.79 4.84 -7.75
CA ILE A 141 -5.57 3.64 -6.95
C ILE A 141 -6.48 2.53 -7.45
N ILE A 142 -5.88 1.52 -8.07
CA ILE A 142 -6.63 0.45 -8.70
C ILE A 142 -6.47 -0.83 -7.91
N HIS A 143 -7.52 -1.65 -7.91
CA HIS A 143 -7.46 -2.94 -7.25
C HIS A 143 -7.47 -4.08 -8.26
N CYS A 144 -6.53 -5.00 -8.11
CA CYS A 144 -6.53 -6.21 -8.91
C CYS A 144 -6.37 -7.41 -8.00
N PRO A 145 -7.07 -8.52 -8.30
CA PRO A 145 -6.82 -9.73 -7.51
C PRO A 145 -5.35 -10.12 -7.62
N GLY A 146 -4.70 -10.35 -6.48
CA GLY A 146 -3.29 -10.64 -6.46
C GLY A 146 -2.98 -12.09 -6.73
N HIS A 147 -1.70 -12.41 -6.82
CA HIS A 147 -1.26 -13.78 -7.08
C HIS A 147 -2.08 -14.39 -8.21
N GLN A 148 -1.93 -13.80 -9.39
CA GLN A 148 -2.69 -14.23 -10.55
C GLN A 148 -1.90 -15.22 -11.41
N LYS A 149 -2.59 -16.21 -11.94
CA LYS A 149 -1.97 -17.16 -12.86
C LYS A 149 -1.65 -16.46 -14.18
N GLY A 150 -2.38 -15.39 -14.45
CA GLY A 150 -2.25 -14.64 -15.68
C GLY A 150 -0.86 -14.08 -15.95
N ASN A 151 -0.55 -13.90 -17.24
CA ASN A 151 0.74 -13.37 -17.66
C ASN A 151 0.71 -11.85 -17.88
N SER A 152 -0.44 -11.23 -17.62
CA SER A 152 -0.63 -9.80 -17.87
C SER A 152 0.30 -8.93 -17.03
N ALA A 153 0.57 -7.72 -17.50
CA ALA A 153 1.54 -6.83 -16.87
C ALA A 153 1.22 -6.57 -15.40
N GLU A 154 -0.07 -6.52 -15.07
CA GLU A 154 -0.50 -6.23 -13.70
C GLU A 154 -0.25 -7.44 -12.80
N ALA A 155 -0.41 -8.63 -13.34
CA ALA A 155 -0.16 -9.85 -12.59
C ALA A 155 1.32 -9.95 -12.24
N ARG A 156 2.15 -9.69 -13.24
CA ARG A 156 3.59 -9.69 -13.07
C ARG A 156 4.01 -8.58 -12.10
N GLY A 157 3.34 -7.45 -12.18
CA GLY A 157 3.59 -6.34 -11.27
C GLY A 157 3.33 -6.77 -9.85
N ASN A 158 2.16 -7.37 -9.63
CA ASN A 158 1.77 -7.82 -8.31
C ASN A 158 2.73 -8.87 -7.76
N ARG A 159 3.08 -9.85 -8.57
CA ARG A 159 4.04 -10.86 -8.15
C ARG A 159 5.38 -10.22 -7.78
N MET A 160 5.80 -9.25 -8.59
CA MET A 160 7.04 -8.51 -8.32
C MET A 160 7.00 -7.85 -6.95
N ALA A 161 5.94 -7.08 -6.70
CA ALA A 161 5.78 -6.40 -5.41
C ALA A 161 5.75 -7.40 -4.25
N ASP A 162 4.92 -8.42 -4.37
CA ASP A 162 4.78 -9.46 -3.36
C ASP A 162 6.15 -10.02 -2.96
N GLN A 163 6.89 -10.46 -3.97
CA GLN A 163 8.22 -11.02 -3.76
C GLN A 163 9.15 -9.99 -3.12
N ALA A 164 9.01 -8.74 -3.53
CA ALA A 164 9.82 -7.65 -2.99
C ALA A 164 9.60 -7.51 -1.49
N ALA A 165 8.34 -7.45 -1.07
CA ALA A 165 8.02 -7.32 0.35
C ALA A 165 8.54 -8.51 1.14
N ARG A 166 8.16 -9.72 0.72
CA ARG A 166 8.59 -10.93 1.42
C ARG A 166 10.12 -11.00 1.55
N GLU A 167 10.82 -10.67 0.48
CA GLU A 167 12.27 -10.60 0.52
C GLU A 167 12.73 -9.56 1.54
N ALA A 168 12.02 -8.43 1.59
CA ALA A 168 12.39 -7.36 2.51
C ALA A 168 12.35 -7.87 3.94
N ALA A 169 11.31 -8.62 4.29
CA ALA A 169 11.21 -9.20 5.62
C ALA A 169 12.28 -10.25 5.90
N MET A 170 12.32 -11.27 5.05
CA MET A 170 13.25 -12.38 5.24
C MET A 170 14.69 -11.89 5.37
N LYS A 171 15.07 -10.97 4.49
CA LYS A 171 16.41 -10.39 4.48
C LYS A 171 16.73 -9.70 5.81
N ALA A 172 15.75 -8.98 6.35
CA ALA A 172 15.92 -8.30 7.63
C ALA A 172 16.15 -9.30 8.75
N VAL A 173 15.42 -10.42 8.71
CA VAL A 173 15.59 -11.45 9.73
C VAL A 173 17.01 -12.03 9.81
N LEU A 174 17.57 -12.38 8.65
CA LEU A 174 18.83 -13.12 8.62
C LEU A 174 20.10 -12.25 8.54
N GLU A 175 19.94 -10.93 8.56
CA GLU A 175 21.09 -10.04 8.54
C GLU A 175 21.57 -9.67 9.94
N THR A 176 20.91 -10.24 10.95
CA THR A 176 21.28 -9.99 12.34
C THR A 176 21.60 -11.28 13.07
S SO4 B . -7.32 -8.03 2.04
O1 SO4 B . -7.34 -8.83 0.81
O2 SO4 B . -6.13 -7.20 2.06
O3 SO4 B . -8.52 -7.20 2.10
O4 SO4 B . -7.29 -8.92 3.20
S SO4 C . 0.51 -13.55 16.12
O1 SO4 C . -0.02 -14.48 15.12
O2 SO4 C . 1.47 -12.63 15.50
O3 SO4 C . -0.58 -12.78 16.69
O4 SO4 C . 1.19 -14.31 17.16
S SO4 D . 0.30 -16.33 9.38
O1 SO4 D . -0.86 -15.47 9.13
O2 SO4 D . 0.82 -16.81 8.10
O3 SO4 D . 1.34 -15.58 10.08
O4 SO4 D . -0.10 -17.48 10.19
S SO4 E . -21.48 8.80 13.71
O1 SO4 E . -21.43 9.77 12.63
O2 SO4 E . -20.12 8.38 14.06
O3 SO4 E . -22.12 9.39 14.88
O4 SO4 E . -22.25 7.64 13.28
C1 MRD F . -5.47 -2.38 16.57
C2 MRD F . -4.14 -2.34 15.83
O2 MRD F . -3.06 -2.24 16.81
CM MRD F . -3.94 -3.61 15.03
C3 MRD F . -4.08 -1.12 14.93
C4 MRD F . -3.63 0.14 15.67
O4 MRD F . -3.32 -0.18 17.01
C5 MRD F . -4.70 1.22 15.65
MN MN G . -1.27 -8.02 -0.98
MN MN H . 1.65 -10.65 -1.18
C1 JTH I . -0.89 -10.81 0.42
O1 JTH I . -0.42 -10.23 -0.75
C2 JTH I . -0.53 -12.28 0.42
O2 JTH I . 0.44 -12.52 -0.55
C3 JTH I . -1.69 -13.20 0.19
C4 JTH I . -2.49 -13.42 1.47
C5 JTH I . -3.58 -12.41 1.63
C6 JTH I . -3.03 -11.03 1.80
C7 JTH I . -2.38 -10.50 0.55
O7 JTH I . -2.53 -9.11 0.53
C41 JTH I . -4.56 -14.91 1.26
C42 JTH I . -3.06 -14.84 1.49
C43 JTH I . -2.61 -15.65 2.70
#